data_7QHP
#
_entry.id   7QHP
#
_cell.length_a   91.996
_cell.length_b   108.819
_cell.length_c   98.055
_cell.angle_alpha   90.000
_cell.angle_beta   90.000
_cell.angle_gamma   90.000
#
_symmetry.space_group_name_H-M   'C 2 2 21'
#
loop_
_entity.id
_entity.type
_entity.pdbx_description
1 polymer 'H-2 class II histocompatibility antigen, A-D alpha chain'
2 polymer 'Murine MHC class II I-A beta g7'
3 polymer Insulin-1
4 non-polymer GLYCEROL
5 non-polymer 'SULFATE ION'
6 non-polymer 'SODIUM ION'
7 water water
#
loop_
_entity_poly.entity_id
_entity_poly.type
_entity_poly.pdbx_seq_one_letter_code
_entity_poly.pdbx_strand_id
1 'polypeptide(L)'
;EDDIEADHVGFYGTTVYQSPGDIGQYTHEFDGDELFYVDLDKKKTVWRLPEFGQLILFEPQGGLQNIAAEKHNLGCLTKR
SNFTPATNEAPQATVFPKSPVLLGQPNTLICFVDNIFPPVINITWLRNSKSVTDGVYETSFLVNRDHSFHKLSYLTFIPS
DDDIYDCKVEHWGLEEPVLKHWEPEIPAPMSELTESLEVLFQ
;
A
2 'polypeptide(L)'
;LQTLALEVEDDPCGGGGGSGGGSGGSGDSERHFVHQFKGECYFTNGTQRIRLVTRYIYNREEYLRFDSDVGEYRAVTELG
RHSAEYYNKQYLERTRAELDTACRHNYEETEVPTSLRRLEQPNVAISLSRTEALNHHNTLVCSVTDFYPAKIKVRWFRNG
QEETVGVSSTQLIRNGDWTFQVLVMLEMTPHQGEVYTCHVEHPSLKSPITVEWRAQSESARSKSLEVLFQ
;
B
3 'polypeptide(L)' LQTLALEVEDDPC T
#
loop_
_chem_comp.id
_chem_comp.type
_chem_comp.name
_chem_comp.formula
GOL non-polymer GLYCEROL 'C3 H8 O3'
NA non-polymer 'SODIUM ION' 'Na 1'
SO4 non-polymer 'SULFATE ION' 'O4 S -2'
#
# COMPACT_ATOMS: atom_id res chain seq x y z
N ILE A 4 -10.95 -12.23 5.31
CA ILE A 4 -11.96 -11.34 5.87
C ILE A 4 -12.45 -10.41 4.77
N GLU A 5 -13.72 -10.53 4.41
CA GLU A 5 -14.35 -9.67 3.43
C GLU A 5 -14.89 -8.43 4.12
N ALA A 6 -14.73 -7.28 3.46
CA ALA A 6 -15.23 -6.04 4.02
C ALA A 6 -15.31 -5.02 2.89
N ASP A 7 -16.10 -3.98 3.10
CA ASP A 7 -16.10 -2.89 2.13
C ASP A 7 -14.85 -2.03 2.26
N HIS A 8 -14.37 -1.81 3.48
CA HIS A 8 -13.21 -0.98 3.73
C HIS A 8 -12.41 -1.54 4.89
N VAL A 9 -11.12 -1.20 4.94
CA VAL A 9 -10.26 -1.70 6.00
C VAL A 9 -9.37 -0.56 6.47
N GLY A 10 -9.38 -0.27 7.77
CA GLY A 10 -8.42 0.68 8.34
C GLY A 10 -7.35 -0.10 9.10
N PHE A 11 -6.11 0.29 8.90
CA PHE A 11 -4.99 -0.18 9.70
C PHE A 11 -4.60 0.95 10.64
N TYR A 12 -4.89 0.79 11.92
CA TYR A 12 -4.64 1.83 12.92
C TYR A 12 -3.73 1.27 14.00
N GLY A 13 -2.85 2.13 14.54
CA GLY A 13 -1.92 1.68 15.58
C GLY A 13 -0.75 0.83 15.10
N THR A 14 -0.63 0.71 13.76
CA THR A 14 0.38 -0.17 13.16
C THR A 14 1.78 0.23 13.59
N THR A 15 2.48 -0.70 14.23
CA THR A 15 3.77 -0.41 14.85
C THR A 15 4.77 -1.52 14.55
N VAL A 16 6.00 -1.12 14.22
CA VAL A 16 7.12 -2.03 14.01
C VAL A 16 8.30 -1.53 14.83
N TYR A 17 8.99 -2.47 15.47
CA TYR A 17 10.20 -2.14 16.21
C TYR A 17 11.24 -3.22 15.96
N GLN A 18 12.48 -2.81 15.79
CA GLN A 18 13.54 -3.73 15.41
C GLN A 18 14.80 -3.42 16.19
N SER A 19 15.52 -4.47 16.59
CA SER A 19 16.81 -4.37 17.24
C SER A 19 17.80 -5.33 16.58
N PRO A 20 19.08 -4.94 16.51
CA PRO A 20 19.68 -3.70 16.99
C PRO A 20 19.33 -2.49 16.13
N GLY A 21 19.70 -1.30 16.60
CA GLY A 21 19.53 -0.07 15.85
C GLY A 21 18.37 0.80 16.29
N ASP A 22 17.49 0.29 17.16
CA ASP A 22 16.32 1.03 17.65
C ASP A 22 15.52 1.63 16.49
N ILE A 23 15.13 0.79 15.57
CA ILE A 23 14.40 1.20 14.38
C ILE A 23 12.92 0.99 14.64
N GLY A 24 12.13 2.06 14.55
CA GLY A 24 10.71 1.98 14.78
C GLY A 24 9.92 2.67 13.69
N GLN A 25 8.67 2.27 13.55
CA GLN A 25 7.80 2.95 12.60
C GLN A 25 6.38 2.86 13.12
N TYR A 26 5.63 3.95 12.97
CA TYR A 26 4.22 4.00 13.33
C TYR A 26 3.45 4.59 12.15
N THR A 27 2.43 3.87 11.67
CA THR A 27 1.64 4.31 10.51
C THR A 27 0.16 4.01 10.73
N HIS A 28 -0.67 4.78 10.02
CA HIS A 28 -2.04 4.38 9.71
C HIS A 28 -2.19 4.23 8.20
N GLU A 29 -3.12 3.36 7.81
CA GLU A 29 -3.47 3.15 6.41
C GLU A 29 -4.97 2.98 6.30
N PHE A 30 -5.51 3.31 5.11
CA PHE A 30 -6.92 3.07 4.86
C PHE A 30 -7.06 2.49 3.46
N ASP A 31 -7.73 1.35 3.36
CA ASP A 31 -7.89 0.62 2.09
C ASP A 31 -6.55 0.43 1.40
N GLY A 32 -5.50 0.19 2.19
CA GLY A 32 -4.20 -0.16 1.63
C GLY A 32 -3.29 0.99 1.23
N ASP A 33 -3.69 2.24 1.45
CA ASP A 33 -2.86 3.41 1.21
C ASP A 33 -2.46 4.11 2.51
N GLU A 34 -1.27 4.69 2.49
CA GLU A 34 -0.72 5.26 3.71
C GLU A 34 -1.41 6.58 4.06
N LEU A 35 -2.01 6.64 5.25
CA LEU A 35 -2.55 7.91 5.72
C LEU A 35 -1.42 8.81 6.22
N PHE A 36 -0.58 8.29 7.12
CA PHE A 36 0.51 9.07 7.71
C PHE A 36 1.49 8.12 8.38
N TYR A 37 2.67 8.66 8.67
CA TYR A 37 3.58 8.07 9.64
C TYR A 37 3.87 9.12 10.69
N VAL A 38 4.40 8.68 11.81
CA VAL A 38 4.86 9.61 12.84
C VAL A 38 6.37 9.69 12.72
N ASP A 39 6.89 10.89 12.50
CA ASP A 39 8.33 11.10 12.55
C ASP A 39 8.77 11.01 14.00
N LEU A 40 9.52 9.95 14.34
CA LEU A 40 9.85 9.68 15.73
C LEU A 40 10.95 10.60 16.26
N ASP A 41 11.87 11.03 15.39
CA ASP A 41 12.85 12.03 15.80
C ASP A 41 12.20 13.37 16.09
N LYS A 42 11.34 13.86 15.19
CA LYS A 42 10.72 15.16 15.35
C LYS A 42 9.41 15.13 16.14
N LYS A 43 8.90 13.95 16.47
CA LYS A 43 7.60 13.80 17.14
C LYS A 43 6.51 14.60 16.43
N LYS A 44 6.35 14.33 15.13
CA LYS A 44 5.40 15.04 14.27
C LYS A 44 4.66 14.02 13.42
N THR A 45 3.38 14.26 13.16
CA THR A 45 2.60 13.40 12.28
C THR A 45 2.79 13.91 10.85
N VAL A 46 3.15 13.02 9.93
CA VAL A 46 3.42 13.44 8.54
C VAL A 46 2.42 12.72 7.64
N TRP A 47 1.44 13.45 7.12
CA TRP A 47 0.35 12.88 6.32
C TRP A 47 0.76 12.77 4.86
N ARG A 48 0.45 11.63 4.23
CA ARG A 48 0.78 11.41 2.82
C ARG A 48 0.08 12.41 1.90
N LEU A 49 -1.22 12.64 2.13
CA LEU A 49 -1.95 13.73 1.49
C LEU A 49 -2.04 14.87 2.49
N PRO A 50 -1.32 15.97 2.30
CA PRO A 50 -1.33 17.02 3.34
C PRO A 50 -2.72 17.54 3.66
N GLU A 51 -3.64 17.54 2.72
CA GLU A 51 -4.96 18.09 3.01
C GLU A 51 -5.71 17.24 4.03
N PHE A 52 -5.40 15.94 4.12
CA PHE A 52 -6.05 15.13 5.17
C PHE A 52 -5.60 15.57 6.54
N GLY A 53 -4.31 15.82 6.71
CA GLY A 53 -3.80 16.27 7.99
C GLY A 53 -4.17 17.69 8.34
N GLN A 54 -4.55 18.51 7.36
CA GLN A 54 -5.09 19.82 7.73
C GLN A 54 -6.44 19.68 8.41
N LEU A 55 -7.22 18.66 8.05
CA LEU A 55 -8.53 18.45 8.64
C LEU A 55 -8.48 17.55 9.88
N ILE A 56 -7.61 16.54 9.90
CA ILE A 56 -7.65 15.49 10.93
C ILE A 56 -6.42 15.62 11.82
N LEU A 57 -6.65 15.61 13.12
CA LEU A 57 -5.54 15.58 14.06
C LEU A 57 -5.17 14.13 14.42
N PHE A 58 -3.90 13.80 14.34
CA PHE A 58 -3.36 12.66 15.08
C PHE A 58 -2.26 13.17 15.99
N GLU A 59 -2.47 13.05 17.30
CA GLU A 59 -1.44 13.45 18.24
C GLU A 59 -0.29 12.45 18.23
N PRO A 60 0.95 12.87 17.96
CA PRO A 60 2.05 11.89 17.84
C PRO A 60 2.27 11.08 19.08
N GLN A 61 1.86 11.58 20.26
CA GLN A 61 2.07 10.84 21.50
C GLN A 61 1.47 9.44 21.44
N GLY A 62 0.34 9.29 20.76
CA GLY A 62 -0.25 7.97 20.62
C GLY A 62 0.63 7.02 19.85
N GLY A 63 1.32 7.53 18.83
CA GLY A 63 2.31 6.73 18.13
C GLY A 63 3.53 6.44 18.99
N LEU A 64 4.02 7.44 19.71
CA LEU A 64 5.18 7.22 20.57
C LEU A 64 4.88 6.20 21.66
N GLN A 65 3.66 6.22 22.19
CA GLN A 65 3.27 5.23 23.20
C GLN A 65 3.30 3.82 22.62
N ASN A 66 2.73 3.64 21.43
CA ASN A 66 2.77 2.31 20.81
C ASN A 66 4.20 1.88 20.51
N ILE A 67 5.05 2.81 20.09
CA ILE A 67 6.44 2.45 19.83
C ILE A 67 7.11 1.96 21.11
N ALA A 68 6.90 2.68 22.21
CA ALA A 68 7.48 2.24 23.49
C ALA A 68 6.96 0.87 23.88
N ALA A 69 5.65 0.62 23.71
CA ALA A 69 5.10 -0.68 24.04
C ALA A 69 5.67 -1.78 23.14
N GLU A 70 5.96 -1.46 21.88
CA GLU A 70 6.53 -2.48 21.00
C GLU A 70 8.01 -2.72 21.31
N LYS A 71 8.72 -1.68 21.76
CA LYS A 71 10.10 -1.90 22.19
C LYS A 71 10.13 -2.87 23.37
N HIS A 72 9.24 -2.65 24.33
CA HIS A 72 9.10 -3.57 25.45
C HIS A 72 8.75 -4.96 24.96
N ASN A 73 7.75 -5.07 24.07
CA ASN A 73 7.32 -6.38 23.59
C ASN A 73 8.41 -7.07 22.80
N LEU A 74 9.19 -6.31 22.01
CA LEU A 74 10.33 -6.92 21.33
C LEU A 74 11.27 -7.55 22.34
N GLY A 75 11.57 -6.84 23.44
CA GLY A 75 12.45 -7.39 24.45
C GLY A 75 11.93 -8.70 25.02
N CYS A 76 10.64 -8.74 25.38
CA CYS A 76 10.08 -9.96 25.97
C CYS A 76 10.08 -11.11 24.98
N LEU A 77 9.72 -10.84 23.72
CA LEU A 77 9.57 -11.96 22.80
C LEU A 77 10.91 -12.48 22.29
N THR A 78 11.93 -11.63 22.16
CA THR A 78 13.24 -12.18 21.78
C THR A 78 13.75 -13.14 22.85
N LYS A 79 13.69 -12.73 24.13
CA LYS A 79 14.10 -13.64 25.21
C LYS A 79 13.24 -14.90 25.25
N ARG A 80 11.91 -14.75 25.14
CA ARG A 80 11.05 -15.92 25.19
C ARG A 80 11.32 -16.87 24.02
N SER A 81 11.71 -16.35 22.86
CA SER A 81 12.03 -17.20 21.73
C SER A 81 13.43 -17.79 21.80
N ASN A 82 14.16 -17.50 22.88
CA ASN A 82 15.58 -17.86 22.99
C ASN A 82 16.39 -17.17 21.89
N PHE A 83 16.06 -15.90 21.63
CA PHE A 83 16.81 -15.06 20.69
C PHE A 83 16.87 -15.70 19.30
N THR A 84 15.70 -16.16 18.83
CA THR A 84 15.58 -16.63 17.46
C THR A 84 15.58 -15.41 16.54
N PRO A 85 16.55 -15.29 15.63
CA PRO A 85 16.66 -14.07 14.83
C PRO A 85 15.74 -14.09 13.62
N ALA A 86 15.54 -12.89 13.07
CA ALA A 86 14.74 -12.77 11.86
C ALA A 86 15.45 -13.42 10.69
N THR A 87 14.67 -13.99 9.78
CA THR A 87 15.18 -14.52 8.53
C THR A 87 15.12 -13.43 7.46
N ASN A 88 16.27 -13.16 6.84
CA ASN A 88 16.31 -12.19 5.74
C ASN A 88 15.57 -12.75 4.53
N GLU A 89 14.64 -11.97 3.99
CA GLU A 89 13.99 -12.31 2.73
C GLU A 89 14.69 -11.60 1.59
N ALA A 90 14.46 -12.09 0.38
CA ALA A 90 14.99 -11.44 -0.81
C ALA A 90 13.91 -10.53 -1.40
N PRO A 91 14.07 -9.23 -1.39
CA PRO A 91 13.03 -8.36 -1.95
C PRO A 91 12.95 -8.55 -3.46
N GLN A 92 11.80 -8.16 -4.02
CA GLN A 92 11.57 -8.21 -5.46
C GLN A 92 11.13 -6.82 -5.90
N ALA A 93 11.71 -6.31 -6.99
CA ALA A 93 11.46 -4.94 -7.42
C ALA A 93 10.93 -4.91 -8.85
N THR A 94 10.10 -3.89 -9.12
CA THR A 94 9.55 -3.66 -10.44
C THR A 94 9.46 -2.15 -10.66
N VAL A 95 9.73 -1.69 -11.88
CA VAL A 95 9.63 -0.26 -12.21
C VAL A 95 8.57 -0.05 -13.25
N PHE A 96 7.72 0.97 -13.05
CA PHE A 96 6.68 1.31 -14.02
C PHE A 96 6.38 2.80 -13.95
N PRO A 97 5.93 3.41 -15.03
CA PRO A 97 5.58 4.84 -15.02
C PRO A 97 4.20 5.08 -14.45
N LYS A 98 4.03 6.27 -13.85
CA LYS A 98 2.73 6.67 -13.33
C LYS A 98 1.73 6.88 -14.45
N SER A 99 2.17 7.42 -15.58
CA SER A 99 1.28 7.77 -16.67
C SER A 99 1.92 7.35 -17.99
N PRO A 100 1.17 7.32 -19.07
CA PRO A 100 1.77 6.97 -20.36
C PRO A 100 2.91 7.92 -20.68
N VAL A 101 3.99 7.35 -21.20
CA VAL A 101 5.24 8.07 -21.37
C VAL A 101 5.20 8.82 -22.68
N LEU A 102 5.36 10.14 -22.61
CA LEU A 102 5.45 10.97 -23.80
C LEU A 102 6.74 11.78 -23.68
N LEU A 103 7.59 11.69 -24.70
CA LEU A 103 8.85 12.43 -24.70
C LEU A 103 8.59 13.92 -24.42
N GLY A 104 9.39 14.51 -23.53
CA GLY A 104 9.20 15.90 -23.19
C GLY A 104 8.12 16.22 -22.16
N GLN A 105 7.29 15.25 -21.74
CA GLN A 105 6.20 15.56 -20.80
C GLN A 105 6.50 14.97 -19.44
N PRO A 106 6.43 15.76 -18.36
CA PRO A 106 6.85 15.24 -17.04
C PRO A 106 6.07 14.00 -16.64
N ASN A 107 6.76 13.10 -15.92
CA ASN A 107 6.18 11.82 -15.52
C ASN A 107 6.87 11.42 -14.22
N THR A 108 6.50 10.25 -13.71
CA THR A 108 7.11 9.73 -12.48
C THR A 108 7.40 8.26 -12.68
N LEU A 109 8.62 7.83 -12.41
CA LEU A 109 8.93 6.41 -12.36
C LEU A 109 8.68 5.90 -10.98
N ILE A 110 8.06 4.74 -10.89
CA ILE A 110 7.69 4.15 -9.60
C ILE A 110 8.45 2.86 -9.49
N CYS A 111 9.26 2.72 -8.44
CA CYS A 111 9.96 1.48 -8.13
C CYS A 111 9.23 0.83 -6.96
N PHE A 112 8.50 -0.23 -7.24
CA PHE A 112 7.72 -0.96 -6.26
C PHE A 112 8.57 -2.13 -5.78
N VAL A 113 8.86 -2.16 -4.48
CA VAL A 113 9.74 -3.19 -3.90
C VAL A 113 8.92 -3.98 -2.87
N ASP A 114 8.83 -5.29 -3.07
CA ASP A 114 7.97 -6.15 -2.26
C ASP A 114 8.81 -7.23 -1.56
N ASN A 115 8.17 -7.93 -0.62
CA ASN A 115 8.82 -9.01 0.13
C ASN A 115 10.04 -8.49 0.89
N ILE A 116 9.87 -7.33 1.53
CA ILE A 116 10.91 -6.71 2.34
C ILE A 116 10.79 -7.21 3.78
N PHE A 117 11.84 -7.86 4.26
CA PHE A 117 11.88 -8.24 5.66
C PHE A 117 13.30 -8.65 6.00
N PRO A 118 13.89 -8.11 7.07
CA PRO A 118 13.36 -7.05 7.97
C PRO A 118 13.20 -5.72 7.24
N PRO A 119 12.40 -4.79 7.76
CA PRO A 119 12.17 -3.48 7.11
C PRO A 119 13.36 -2.54 7.30
N VAL A 120 14.47 -2.90 6.66
CA VAL A 120 15.59 -2.01 6.44
C VAL A 120 16.02 -2.22 5.00
N ILE A 121 16.14 -1.15 4.22
CA ILE A 121 16.42 -1.29 2.79
C ILE A 121 17.02 -0.01 2.28
N ASN A 122 17.70 -0.10 1.15
CA ASN A 122 18.25 1.08 0.48
C ASN A 122 17.76 1.01 -0.96
N ILE A 123 16.87 1.92 -1.34
CA ILE A 123 16.34 2.01 -2.70
C ILE A 123 16.86 3.31 -3.29
N THR A 124 17.57 3.21 -4.41
CA THR A 124 18.20 4.38 -5.01
C THR A 124 18.03 4.32 -6.51
N TRP A 125 18.05 5.48 -7.14
CA TRP A 125 17.84 5.56 -8.57
C TRP A 125 19.16 5.90 -9.28
N LEU A 126 19.29 5.37 -10.50
CA LEU A 126 20.41 5.68 -11.38
C LEU A 126 19.85 6.18 -12.71
N ARG A 127 20.50 7.20 -13.26
CA ARG A 127 20.20 7.67 -14.60
C ARG A 127 21.50 7.57 -15.39
N ASN A 128 21.48 6.79 -16.46
CA ASN A 128 22.70 6.48 -17.21
C ASN A 128 23.81 5.99 -16.28
N SER A 129 23.45 5.06 -15.39
CA SER A 129 24.32 4.43 -14.40
C SER A 129 24.93 5.41 -13.41
N LYS A 130 24.36 6.60 -13.24
CA LYS A 130 24.82 7.56 -12.25
C LYS A 130 23.70 7.86 -11.26
N SER A 131 24.07 7.94 -9.98
CA SER A 131 23.12 8.13 -8.90
C SER A 131 22.31 9.42 -9.11
N VAL A 132 21.01 9.33 -8.78
CA VAL A 132 20.11 10.47 -8.91
C VAL A 132 19.33 10.58 -7.60
N THR A 133 19.43 11.72 -6.93
CA THR A 133 18.74 11.87 -5.66
C THR A 133 17.78 13.05 -5.56
N ASP A 134 17.93 14.09 -6.38
CA ASP A 134 17.06 15.25 -6.24
C ASP A 134 15.61 14.92 -6.53
N GLY A 135 14.70 15.38 -5.66
CA GLY A 135 13.26 15.21 -5.85
C GLY A 135 12.70 13.85 -5.47
N VAL A 136 13.55 12.82 -5.36
CA VAL A 136 13.11 11.45 -5.05
C VAL A 136 12.38 11.43 -3.72
N TYR A 137 11.34 10.60 -3.63
CA TYR A 137 10.74 10.40 -2.30
C TYR A 137 10.25 8.97 -2.23
N GLU A 138 10.06 8.50 -1.02
CA GLU A 138 9.58 7.13 -0.88
C GLU A 138 8.51 7.06 0.19
N THR A 139 7.71 6.01 0.10
CA THR A 139 6.69 5.70 1.08
C THR A 139 7.34 5.18 2.36
N SER A 140 6.52 5.06 3.42
CA SER A 140 6.92 4.25 4.54
C SER A 140 6.94 2.77 4.14
N PHE A 141 7.42 1.94 5.07
CA PHE A 141 7.24 0.51 4.95
C PHE A 141 5.76 0.17 5.17
N LEU A 142 5.09 -0.31 4.11
CA LEU A 142 3.67 -0.65 4.14
C LEU A 142 3.50 -2.14 4.39
N VAL A 143 2.53 -2.51 5.22
CA VAL A 143 2.47 -3.89 5.72
C VAL A 143 1.85 -4.80 4.67
N ASN A 144 2.32 -6.05 4.67
CA ASN A 144 1.73 -7.13 3.90
C ASN A 144 1.08 -8.13 4.85
N ARG A 145 0.13 -8.87 4.29
CA ARG A 145 -0.61 -9.87 5.06
C ARG A 145 0.30 -10.97 5.60
N ASP A 146 1.42 -11.25 4.92
CA ASP A 146 2.34 -12.28 5.41
C ASP A 146 3.41 -11.72 6.34
N HIS A 147 3.24 -10.45 6.78
CA HIS A 147 4.06 -9.74 7.76
C HIS A 147 5.43 -9.38 7.23
N SER A 148 5.63 -9.45 5.92
CA SER A 148 6.72 -8.72 5.26
C SER A 148 6.22 -7.30 4.96
N PHE A 149 7.01 -6.54 4.20
CA PHE A 149 6.66 -5.17 3.89
C PHE A 149 6.84 -4.91 2.40
N HIS A 150 6.20 -3.83 1.93
CA HIS A 150 6.55 -3.27 0.63
C HIS A 150 6.78 -1.78 0.75
N LYS A 151 7.48 -1.21 -0.23
CA LYS A 151 7.85 0.20 -0.20
C LYS A 151 7.91 0.69 -1.64
N LEU A 152 7.52 1.95 -1.89
CA LEU A 152 7.67 2.47 -3.25
C LEU A 152 8.57 3.68 -3.22
N SER A 153 9.41 3.80 -4.24
CA SER A 153 10.22 5.00 -4.44
C SER A 153 9.81 5.66 -5.74
N TYR A 154 9.86 7.00 -5.77
CA TYR A 154 9.37 7.78 -6.90
C TYR A 154 10.45 8.67 -7.46
N LEU A 155 10.69 8.60 -8.76
CA LEU A 155 11.60 9.51 -9.43
C LEU A 155 10.83 10.34 -10.44
N THR A 156 10.81 11.65 -10.24
CA THR A 156 10.12 12.55 -11.15
C THR A 156 11.08 13.01 -12.23
N PHE A 157 10.66 12.97 -13.49
CA PHE A 157 11.61 13.12 -14.58
C PHE A 157 10.87 13.56 -15.84
N ILE A 158 11.62 14.05 -16.82
CA ILE A 158 11.10 14.29 -18.16
C ILE A 158 11.67 13.22 -19.10
N PRO A 159 10.82 12.39 -19.71
CA PRO A 159 11.33 11.33 -20.58
C PRO A 159 12.10 11.88 -21.77
N SER A 160 13.19 11.22 -22.12
CA SER A 160 14.05 11.57 -23.24
C SER A 160 14.61 10.30 -23.83
N ASP A 161 14.85 10.31 -25.14
CA ASP A 161 15.39 9.12 -25.80
C ASP A 161 16.82 8.81 -25.34
N ASP A 162 17.53 9.78 -24.78
CA ASP A 162 18.93 9.61 -24.41
C ASP A 162 19.14 9.31 -22.93
N ASP A 163 18.10 8.93 -22.19
CA ASP A 163 18.22 8.67 -20.76
C ASP A 163 17.70 7.27 -20.43
N ILE A 164 18.47 6.54 -19.64
CA ILE A 164 18.22 5.17 -19.23
C ILE A 164 18.14 5.16 -17.70
N TYR A 165 17.16 4.46 -17.14
CA TYR A 165 16.98 4.49 -15.69
C TYR A 165 17.06 3.10 -15.05
N ASP A 166 17.57 3.07 -13.84
CA ASP A 166 17.57 1.89 -13.00
C ASP A 166 17.07 2.24 -11.61
N CYS A 167 16.34 1.31 -11.02
CA CYS A 167 16.08 1.29 -9.59
C CYS A 167 17.03 0.28 -8.96
N LYS A 168 17.87 0.72 -8.03
CA LYS A 168 18.85 -0.14 -7.38
C LYS A 168 18.37 -0.47 -5.98
N VAL A 169 18.37 -1.76 -5.61
CA VAL A 169 17.84 -2.18 -4.33
C VAL A 169 18.91 -2.97 -3.58
N GLU A 170 19.25 -2.52 -2.37
CA GLU A 170 20.20 -3.19 -1.51
C GLU A 170 19.49 -3.60 -0.23
N HIS A 171 19.72 -4.85 0.19
CA HIS A 171 19.06 -5.43 1.35
C HIS A 171 19.90 -6.61 1.83
N TRP A 172 19.85 -6.85 3.15
CA TRP A 172 20.63 -7.94 3.76
C TRP A 172 20.31 -9.29 3.15
N GLY A 173 19.11 -9.48 2.63
CA GLY A 173 18.77 -10.75 2.01
C GLY A 173 19.17 -10.90 0.56
N LEU A 174 19.96 -9.97 0.01
CA LEU A 174 20.47 -10.05 -1.35
C LEU A 174 21.98 -10.20 -1.31
N GLU A 175 22.51 -11.16 -2.07
CA GLU A 175 23.96 -11.29 -2.19
C GLU A 175 24.55 -10.08 -2.92
N GLU A 176 23.95 -9.70 -4.04
CA GLU A 176 24.35 -8.55 -4.82
C GLU A 176 23.15 -7.62 -4.95
N PRO A 177 23.39 -6.33 -5.15
CA PRO A 177 22.27 -5.39 -5.34
C PRO A 177 21.42 -5.78 -6.53
N VAL A 178 20.10 -5.57 -6.40
CA VAL A 178 19.17 -5.79 -7.50
C VAL A 178 19.06 -4.51 -8.31
N LEU A 179 19.09 -4.63 -9.64
CA LEU A 179 18.99 -3.52 -10.56
C LEU A 179 17.83 -3.74 -11.53
N LYS A 180 16.79 -2.92 -11.45
CA LYS A 180 15.65 -3.01 -12.35
C LYS A 180 15.71 -1.87 -13.34
N HIS A 181 15.73 -2.20 -14.63
CA HIS A 181 15.95 -1.23 -15.68
C HIS A 181 14.63 -0.67 -16.22
N TRP A 182 14.67 0.57 -16.70
CA TRP A 182 13.53 1.16 -17.42
C TRP A 182 14.02 2.19 -18.45
N GLU A 183 13.37 2.24 -19.61
CA GLU A 183 13.68 3.30 -20.57
C GLU A 183 12.50 3.47 -21.52
N PRO A 184 12.38 4.63 -22.16
CA PRO A 184 11.21 4.96 -23.00
C PRO A 184 11.16 4.18 -24.33
C GLU B 30 23.04 -10.42 12.51
N ARG B 31 22.68 -10.67 13.76
CA ARG B 31 21.34 -11.11 14.11
C ARG B 31 20.42 -9.90 14.31
N HIS B 32 19.21 -9.99 13.75
CA HIS B 32 18.22 -8.92 13.86
C HIS B 32 16.93 -9.51 14.40
N PHE B 33 16.19 -8.67 15.13
CA PHE B 33 14.95 -9.08 15.79
C PHE B 33 13.89 -8.04 15.55
N VAL B 34 12.68 -8.48 15.18
CA VAL B 34 11.60 -7.56 14.81
C VAL B 34 10.33 -7.92 15.58
N HIS B 35 9.59 -6.89 16.03
CA HIS B 35 8.26 -7.09 16.58
C HIS B 35 7.29 -6.15 15.86
N GLN B 36 6.08 -6.64 15.60
CA GLN B 36 5.05 -5.84 14.94
C GLN B 36 3.75 -5.95 15.70
N PHE B 37 2.98 -4.86 15.66
CA PHE B 37 1.59 -4.87 16.10
C PHE B 37 0.73 -4.37 14.96
N LYS B 38 -0.37 -5.07 14.68
CA LYS B 38 -1.28 -4.65 13.63
C LYS B 38 -2.67 -4.51 14.20
N GLY B 39 -3.26 -3.32 14.06
CA GLY B 39 -4.64 -3.11 14.45
C GLY B 39 -5.44 -2.96 13.17
N GLU B 40 -6.50 -3.73 13.06
CA GLU B 40 -7.22 -3.79 11.80
C GLU B 40 -8.71 -3.62 12.06
N CYS B 41 -9.32 -2.65 11.40
CA CYS B 41 -10.77 -2.41 11.48
C CYS B 41 -11.39 -2.74 10.13
N TYR B 42 -12.29 -3.72 10.10
CA TYR B 42 -13.00 -4.10 8.89
C TYR B 42 -14.43 -3.58 8.94
N PHE B 43 -14.83 -2.85 7.91
CA PHE B 43 -16.10 -2.14 7.87
C PHE B 43 -16.94 -2.66 6.73
N THR B 44 -18.21 -2.94 7.01
CA THR B 44 -19.16 -3.35 5.98
C THR B 44 -20.40 -2.50 6.11
N ASN B 45 -20.87 -1.94 4.98
CA ASN B 45 -22.01 -1.04 4.96
C ASN B 45 -21.81 0.09 5.96
N GLY B 46 -20.78 0.89 5.67
CA GLY B 46 -20.39 1.95 6.60
C GLY B 46 -19.94 1.34 7.90
N THR B 47 -20.53 1.78 9.01
CA THR B 47 -20.20 1.21 10.30
C THR B 47 -21.31 0.28 10.81
N GLN B 48 -22.22 -0.16 9.95
CA GLN B 48 -23.26 -1.09 10.40
C GLN B 48 -22.63 -2.39 10.92
N ARG B 49 -21.54 -2.82 10.30
CA ARG B 49 -20.85 -4.03 10.68
C ARG B 49 -19.36 -3.70 10.77
N ILE B 50 -18.78 -3.90 11.95
CA ILE B 50 -17.36 -3.66 12.20
C ILE B 50 -16.79 -4.92 12.82
N ARG B 51 -15.59 -5.30 12.39
CA ARG B 51 -14.83 -6.35 13.04
C ARG B 51 -13.44 -5.80 13.33
N LEU B 52 -12.98 -5.95 14.56
CA LEU B 52 -11.65 -5.49 14.95
C LEU B 52 -10.76 -6.70 15.15
N VAL B 53 -9.57 -6.66 14.56
CA VAL B 53 -8.55 -7.70 14.76
C VAL B 53 -7.27 -7.00 15.17
N THR B 54 -6.68 -7.43 16.28
CA THR B 54 -5.31 -6.98 16.58
C THR B 54 -4.39 -8.20 16.59
N ARG B 55 -3.17 -7.98 16.14
CA ARG B 55 -2.18 -9.04 15.92
C ARG B 55 -0.87 -8.63 16.58
N TYR B 56 -0.27 -9.56 17.32
CA TYR B 56 1.06 -9.39 17.89
C TYR B 56 1.99 -10.37 17.19
N ILE B 57 3.08 -9.85 16.65
CA ILE B 57 3.92 -10.59 15.70
C ILE B 57 5.38 -10.52 16.13
N TYR B 58 6.02 -11.68 16.25
CA TYR B 58 7.45 -11.78 16.49
C TYR B 58 8.13 -12.22 15.19
N ASN B 59 9.08 -11.41 14.70
CA ASN B 59 9.59 -11.54 13.33
C ASN B 59 8.45 -11.58 12.33
N ARG B 60 8.15 -12.73 11.73
CA ARG B 60 6.95 -12.83 10.90
C ARG B 60 5.92 -13.79 11.44
N GLU B 61 6.05 -14.22 12.69
CA GLU B 61 5.13 -15.19 13.30
C GLU B 61 4.09 -14.47 14.14
N GLU B 62 2.83 -14.45 13.68
CA GLU B 62 1.74 -13.98 14.53
C GLU B 62 1.52 -15.01 15.64
N TYR B 63 1.73 -14.60 16.88
CA TYR B 63 1.59 -15.50 18.02
C TYR B 63 0.37 -15.19 18.89
N LEU B 64 -0.15 -13.98 18.85
CA LEU B 64 -1.26 -13.60 19.72
C LEU B 64 -2.23 -12.74 18.93
N ARG B 65 -3.54 -12.99 19.09
CA ARG B 65 -4.55 -12.25 18.32
C ARG B 65 -5.80 -11.96 19.14
N PHE B 66 -6.31 -10.72 19.06
CA PHE B 66 -7.68 -10.42 19.44
C PHE B 66 -8.53 -10.29 18.17
N ASP B 67 -9.72 -10.88 18.19
CA ASP B 67 -10.66 -10.87 17.07
C ASP B 67 -12.05 -10.65 17.65
N SER B 68 -12.68 -9.53 17.29
CA SER B 68 -13.97 -9.21 17.91
C SER B 68 -15.05 -10.25 17.56
N ASP B 69 -14.85 -11.05 16.50
CA ASP B 69 -15.81 -12.11 16.20
C ASP B 69 -15.67 -13.28 17.18
N VAL B 70 -14.48 -13.43 17.76
CA VAL B 70 -14.22 -14.40 18.82
C VAL B 70 -14.58 -13.82 20.19
N GLY B 71 -14.28 -12.54 20.41
CA GLY B 71 -14.57 -11.85 21.66
C GLY B 71 -13.47 -11.89 22.69
N GLU B 72 -12.35 -12.54 22.42
CA GLU B 72 -11.25 -12.61 23.37
C GLU B 72 -9.93 -12.80 22.65
N TYR B 73 -8.84 -12.62 23.38
CA TYR B 73 -7.52 -12.95 22.83
C TYR B 73 -7.35 -14.46 22.75
N ARG B 74 -6.63 -14.91 21.70
CA ARG B 74 -6.24 -16.32 21.59
C ARG B 74 -4.78 -16.41 21.19
N ALA B 75 -4.12 -17.44 21.70
CA ALA B 75 -2.78 -17.76 21.22
C ALA B 75 -2.89 -18.31 19.80
N VAL B 76 -2.07 -17.78 18.90
CA VAL B 76 -2.07 -18.31 17.54
C VAL B 76 -0.98 -19.36 17.37
N THR B 77 0.14 -19.21 18.07
CA THR B 77 1.18 -20.23 18.15
C THR B 77 1.58 -20.40 19.62
N GLU B 78 2.46 -21.38 19.88
CA GLU B 78 2.89 -21.67 21.25
C GLU B 78 3.62 -20.49 21.87
N LEU B 79 4.27 -19.65 21.05
CA LEU B 79 4.91 -18.45 21.58
C LEU B 79 3.93 -17.58 22.36
N GLY B 80 2.64 -17.66 22.05
CA GLY B 80 1.68 -16.81 22.71
C GLY B 80 0.85 -17.55 23.76
N ARG B 81 1.27 -18.77 24.11
CA ARG B 81 0.44 -19.62 24.97
C ARG B 81 0.07 -18.93 26.28
N HIS B 82 1.08 -18.45 27.01
CA HIS B 82 0.77 -17.79 28.27
C HIS B 82 0.44 -16.31 28.10
N SER B 83 0.71 -15.72 26.94
CA SER B 83 0.36 -14.33 26.73
C SER B 83 -1.15 -14.13 26.68
N ALA B 84 -1.88 -15.06 26.05
CA ALA B 84 -3.30 -14.86 25.82
C ALA B 84 -4.07 -14.76 27.13
N GLU B 85 -3.75 -15.62 28.11
CA GLU B 85 -4.44 -15.52 29.39
C GLU B 85 -4.18 -14.17 30.07
N TYR B 86 -2.95 -13.68 29.99
CA TYR B 86 -2.63 -12.41 30.62
C TYR B 86 -3.34 -11.25 29.91
N TYR B 87 -3.36 -11.25 28.57
CA TYR B 87 -4.03 -10.15 27.87
C TYR B 87 -5.53 -10.16 28.14
N ASN B 88 -6.14 -11.34 28.21
CA ASN B 88 -7.56 -11.41 28.55
C ASN B 88 -7.82 -10.88 29.95
N LYS B 89 -6.93 -11.21 30.89
CA LYS B 89 -7.12 -10.75 32.27
C LYS B 89 -6.91 -9.23 32.40
N GLN B 90 -5.94 -8.66 31.69
CA GLN B 90 -5.56 -7.28 31.94
C GLN B 90 -6.21 -6.26 31.01
N TYR B 91 -6.48 -6.62 29.76
CA TYR B 91 -6.73 -5.64 28.72
C TYR B 91 -8.03 -5.84 27.97
N LEU B 92 -8.76 -6.92 28.24
CA LEU B 92 -9.82 -7.33 27.32
C LEU B 92 -10.90 -6.28 27.21
N GLU B 93 -11.32 -5.66 28.33
CA GLU B 93 -12.41 -4.69 28.21
C GLU B 93 -11.99 -3.48 27.35
N ARG B 94 -10.76 -3.01 27.51
CA ARG B 94 -10.30 -1.89 26.67
C ARG B 94 -10.21 -2.31 25.20
N THR B 95 -9.71 -3.52 24.93
CA THR B 95 -9.57 -3.95 23.54
C THR B 95 -10.93 -4.08 22.88
N ARG B 96 -11.93 -4.66 23.56
CA ARG B 96 -13.27 -4.70 22.99
C ARG B 96 -13.83 -3.30 22.78
N ALA B 97 -13.58 -2.39 23.72
CA ALA B 97 -14.15 -1.04 23.62
C ALA B 97 -13.63 -0.31 22.39
N GLU B 98 -12.42 -0.66 21.95
CA GLU B 98 -11.81 0.00 20.80
C GLU B 98 -12.57 -0.23 19.51
N LEU B 99 -13.45 -1.24 19.44
CA LEU B 99 -14.29 -1.35 18.25
C LEU B 99 -15.10 -0.07 18.06
N ASP B 100 -15.60 0.46 19.16
CA ASP B 100 -16.32 1.72 19.14
C ASP B 100 -15.41 2.93 19.26
N THR B 101 -14.46 2.93 20.20
CA THR B 101 -13.74 4.16 20.47
C THR B 101 -12.66 4.43 19.43
N ALA B 102 -12.21 3.42 18.69
CA ALA B 102 -11.22 3.61 17.64
C ALA B 102 -11.79 3.29 16.27
N CYS B 103 -12.28 2.07 16.02
CA CYS B 103 -12.78 1.74 14.68
C CYS B 103 -13.94 2.63 14.27
N ARG B 104 -15.04 2.58 15.03
CA ARG B 104 -16.22 3.36 14.65
C ARG B 104 -15.94 4.85 14.66
N HIS B 105 -15.26 5.33 15.71
CA HIS B 105 -14.91 6.74 15.79
C HIS B 105 -14.07 7.19 14.60
N ASN B 106 -12.98 6.46 14.31
CA ASN B 106 -12.08 6.91 13.24
C ASN B 106 -12.81 6.96 11.91
N TYR B 107 -13.67 5.98 11.66
CA TYR B 107 -14.37 5.90 10.38
C TYR B 107 -15.36 7.05 10.23
N GLU B 108 -16.27 7.18 11.20
CA GLU B 108 -17.34 8.18 11.11
C GLU B 108 -16.81 9.60 11.20
N GLU B 109 -15.80 9.84 12.04
CA GLU B 109 -15.33 11.20 12.25
C GLU B 109 -14.20 11.61 11.32
N THR B 110 -13.37 10.67 10.85
CA THR B 110 -12.20 11.10 10.11
C THR B 110 -12.10 10.50 8.71
N GLU B 111 -12.53 9.25 8.50
CA GLU B 111 -12.40 8.71 7.14
C GLU B 111 -13.50 9.21 6.22
N VAL B 112 -14.70 9.35 6.75
CA VAL B 112 -15.83 9.86 5.96
C VAL B 112 -15.47 11.19 5.29
N PRO B 113 -14.88 12.17 5.97
CA PRO B 113 -14.53 13.41 5.25
C PRO B 113 -13.17 13.41 4.57
N THR B 114 -12.35 12.34 4.65
CA THR B 114 -11.13 12.34 3.85
C THR B 114 -11.01 11.19 2.85
N SER B 115 -10.75 9.98 3.30
N SER B 115 -10.74 9.98 3.33
CA SER B 115 -10.45 8.89 2.38
CA SER B 115 -10.48 8.86 2.43
C SER B 115 -11.69 8.49 1.58
C SER B 115 -11.70 8.55 1.59
N LEU B 116 -12.86 8.50 2.23
CA LEU B 116 -14.09 8.07 1.59
C LEU B 116 -14.72 9.13 0.72
N ARG B 117 -14.30 10.39 0.81
CA ARG B 117 -14.80 11.35 -0.17
C ARG B 117 -13.80 11.69 -1.26
N ARG B 118 -12.59 11.11 -1.25
CA ARG B 118 -11.63 11.40 -2.31
C ARG B 118 -12.14 10.90 -3.67
N LEU B 119 -12.06 11.76 -4.69
CA LEU B 119 -12.50 11.38 -6.04
C LEU B 119 -11.48 11.96 -7.01
N GLU B 120 -10.77 11.09 -7.72
CA GLU B 120 -9.78 11.52 -8.72
C GLU B 120 -10.19 10.93 -10.06
N GLN B 121 -10.33 11.79 -11.05
CA GLN B 121 -10.83 11.35 -12.36
C GLN B 121 -9.75 10.64 -13.16
N PRO B 122 -10.08 9.55 -13.84
CA PRO B 122 -9.08 8.87 -14.67
C PRO B 122 -8.72 9.69 -15.90
N ASN B 123 -7.45 9.56 -16.33
CA ASN B 123 -7.01 9.95 -17.66
C ASN B 123 -7.00 8.71 -18.54
N VAL B 124 -7.38 8.88 -19.80
CA VAL B 124 -7.56 7.75 -20.72
C VAL B 124 -6.78 8.02 -21.98
N ALA B 125 -5.95 7.05 -22.41
CA ALA B 125 -5.17 7.16 -23.65
C ALA B 125 -5.16 5.79 -24.34
N ILE B 126 -5.03 5.80 -25.66
CA ILE B 126 -4.98 4.56 -26.44
C ILE B 126 -3.68 4.53 -27.20
N SER B 127 -2.97 3.40 -27.14
CA SER B 127 -1.79 3.20 -27.96
C SER B 127 -1.88 1.83 -28.61
N LEU B 128 -1.12 1.67 -29.69
CA LEU B 128 -0.98 0.41 -30.39
C LEU B 128 0.32 -0.24 -29.96
N SER B 129 0.28 -1.54 -29.71
CA SER B 129 1.44 -2.23 -29.17
C SER B 129 2.54 -2.37 -30.23
N ARG B 130 2.16 -2.64 -31.47
CA ARG B 130 3.08 -2.86 -32.58
C ARG B 130 2.75 -1.87 -33.71
N THR B 131 3.70 -1.66 -34.61
CA THR B 131 3.43 -0.79 -35.75
C THR B 131 2.22 -1.32 -36.51
N GLU B 132 1.37 -0.40 -36.94
CA GLU B 132 0.12 -0.82 -37.59
C GLU B 132 0.39 -1.42 -38.96
N ALA B 133 -0.13 -2.63 -39.18
CA ALA B 133 -0.03 -3.28 -40.48
C ALA B 133 -1.35 -3.95 -40.83
N LEU B 134 -1.83 -3.68 -42.04
CA LEU B 134 -3.04 -4.31 -42.53
C LEU B 134 -2.92 -5.84 -42.48
N ASN B 135 -4.00 -6.49 -42.02
CA ASN B 135 -4.10 -7.94 -41.90
C ASN B 135 -3.12 -8.53 -40.90
N HIS B 136 -2.48 -7.73 -40.05
CA HIS B 136 -1.52 -8.24 -39.06
C HIS B 136 -2.06 -8.07 -37.63
N HIS B 137 -1.87 -9.11 -36.81
CA HIS B 137 -2.35 -9.09 -35.42
C HIS B 137 -1.65 -8.00 -34.61
N ASN B 138 -2.45 -7.29 -33.80
CA ASN B 138 -1.95 -6.21 -32.97
C ASN B 138 -2.73 -6.20 -31.65
N THR B 139 -2.31 -5.33 -30.74
CA THR B 139 -3.04 -5.11 -29.49
C THR B 139 -3.28 -3.62 -29.28
N LEU B 140 -4.52 -3.24 -29.06
CA LEU B 140 -4.82 -1.88 -28.64
C LEU B 140 -4.78 -1.83 -27.12
N VAL B 141 -4.14 -0.79 -26.57
CA VAL B 141 -3.99 -0.67 -25.11
C VAL B 141 -4.68 0.61 -24.67
N CYS B 142 -5.69 0.46 -23.81
CA CYS B 142 -6.35 1.58 -23.18
C CYS B 142 -5.73 1.77 -21.80
N SER B 143 -4.91 2.82 -21.66
CA SER B 143 -4.27 3.17 -20.39
C SER B 143 -5.18 4.09 -19.60
N VAL B 144 -5.60 3.64 -18.43
CA VAL B 144 -6.53 4.37 -17.59
C VAL B 144 -5.80 4.69 -16.28
N THR B 145 -5.46 5.95 -16.04
CA THR B 145 -4.48 6.25 -15.02
C THR B 145 -5.00 7.31 -14.04
N ASP B 146 -4.38 7.30 -12.83
CA ASP B 146 -4.52 8.37 -11.83
C ASP B 146 -5.92 8.50 -11.24
N PHE B 147 -6.66 7.40 -11.09
CA PHE B 147 -8.01 7.53 -10.56
C PHE B 147 -8.09 7.03 -9.12
N TYR B 148 -9.15 7.44 -8.43
CA TYR B 148 -9.46 7.02 -7.07
C TYR B 148 -10.94 7.30 -6.85
N PRO B 149 -11.70 6.39 -6.23
CA PRO B 149 -11.30 5.08 -5.68
C PRO B 149 -11.11 4.00 -6.76
N ALA B 150 -10.93 2.76 -6.31
CA ALA B 150 -10.51 1.68 -7.21
C ALA B 150 -11.63 1.24 -8.15
N LYS B 151 -12.89 1.38 -7.74
CA LYS B 151 -14.02 0.91 -8.56
C LYS B 151 -14.05 1.62 -9.92
N ILE B 152 -14.00 0.83 -11.00
CA ILE B 152 -13.96 1.40 -12.34
C ILE B 152 -14.50 0.36 -13.31
N LYS B 153 -15.04 0.83 -14.43
CA LYS B 153 -15.50 -0.06 -15.49
C LYS B 153 -14.94 0.41 -16.82
N VAL B 154 -14.17 -0.45 -17.47
CA VAL B 154 -13.52 -0.12 -18.73
C VAL B 154 -13.98 -1.11 -19.79
N ARG B 155 -14.47 -0.60 -20.92
CA ARG B 155 -15.01 -1.43 -21.99
C ARG B 155 -14.42 -0.99 -23.33
N TRP B 156 -14.17 -1.97 -24.20
CA TRP B 156 -13.72 -1.72 -25.56
C TRP B 156 -14.89 -1.86 -26.52
N PHE B 157 -14.96 -0.99 -27.51
CA PHE B 157 -15.97 -1.05 -28.57
C PHE B 157 -15.29 -1.04 -29.93
N ARG B 158 -15.91 -1.73 -30.89
CA ARG B 158 -15.46 -1.72 -32.28
C ARG B 158 -16.68 -1.39 -33.13
N ASN B 159 -16.64 -0.20 -33.76
CA ASN B 159 -17.75 0.28 -34.59
C ASN B 159 -19.07 0.28 -33.82
N GLY B 160 -19.01 0.68 -32.54
CA GLY B 160 -20.16 0.68 -31.67
C GLY B 160 -20.52 -0.65 -31.06
N GLN B 161 -19.77 -1.71 -31.34
CA GLN B 161 -20.09 -3.05 -30.84
C GLN B 161 -19.13 -3.40 -29.71
N GLU B 162 -19.69 -3.71 -28.55
CA GLU B 162 -18.88 -4.09 -27.41
C GLU B 162 -18.08 -5.34 -27.71
N GLU B 163 -16.81 -5.35 -27.32
CA GLU B 163 -15.95 -6.51 -27.48
C GLU B 163 -15.98 -7.36 -26.21
N THR B 164 -16.22 -8.67 -26.39
CA THR B 164 -16.21 -9.65 -25.30
C THR B 164 -14.91 -10.44 -25.26
N VAL B 165 -14.61 -11.15 -26.31
CA VAL B 165 -13.43 -12.00 -26.35
C VAL B 165 -12.28 -11.17 -26.90
N GLY B 166 -11.08 -11.52 -26.50
CA GLY B 166 -9.92 -10.77 -26.89
C GLY B 166 -9.63 -9.56 -26.00
N VAL B 167 -10.40 -9.34 -24.93
CA VAL B 167 -10.11 -8.27 -23.97
C VAL B 167 -9.41 -8.88 -22.77
N SER B 168 -8.33 -8.24 -22.31
CA SER B 168 -7.63 -8.59 -21.09
C SER B 168 -7.27 -7.33 -20.31
N SER B 169 -6.94 -7.50 -19.05
CA SER B 169 -6.68 -6.37 -18.17
C SER B 169 -5.51 -6.69 -17.25
N THR B 170 -4.65 -5.71 -17.00
CA THR B 170 -3.73 -5.88 -15.89
C THR B 170 -4.52 -5.89 -14.60
N GLN B 171 -3.89 -6.44 -13.55
CA GLN B 171 -4.41 -6.18 -12.22
C GLN B 171 -4.46 -4.66 -12.01
N LEU B 172 -5.37 -4.23 -11.14
CA LEU B 172 -5.36 -2.85 -10.70
C LEU B 172 -4.04 -2.54 -10.03
N ILE B 173 -3.39 -1.47 -10.45
CA ILE B 173 -2.06 -1.13 -9.99
C ILE B 173 -2.21 0.02 -9.00
N ARG B 174 -1.76 -0.20 -7.78
CA ARG B 174 -1.79 0.81 -6.73
C ARG B 174 -0.51 1.64 -6.83
N ASN B 175 -0.63 2.93 -7.18
CA ASN B 175 0.56 3.73 -7.37
C ASN B 175 1.24 4.10 -6.06
N GLY B 176 0.53 3.98 -4.94
CA GLY B 176 1.06 4.36 -3.64
C GLY B 176 0.84 5.82 -3.29
N ASP B 177 0.36 6.63 -4.23
CA ASP B 177 0.07 8.04 -3.99
C ASP B 177 -1.44 8.34 -3.95
N TRP B 178 -2.24 7.33 -3.56
CA TRP B 178 -3.70 7.42 -3.49
C TRP B 178 -4.31 7.59 -4.89
N THR B 179 -3.67 6.99 -5.88
CA THR B 179 -4.25 6.81 -7.21
C THR B 179 -3.93 5.40 -7.70
N PHE B 180 -4.74 4.94 -8.64
CA PHE B 180 -4.63 3.64 -9.29
C PHE B 180 -4.43 3.82 -10.79
N GLN B 181 -3.96 2.77 -11.45
CA GLN B 181 -4.02 2.69 -12.91
C GLN B 181 -4.36 1.26 -13.32
N VAL B 182 -4.90 1.12 -14.51
CA VAL B 182 -5.14 -0.20 -15.08
C VAL B 182 -4.93 -0.09 -16.58
N LEU B 183 -4.38 -1.14 -17.20
CA LEU B 183 -4.29 -1.18 -18.65
C LEU B 183 -5.22 -2.26 -19.17
N VAL B 184 -6.05 -1.90 -20.15
CA VAL B 184 -7.05 -2.82 -20.70
C VAL B 184 -6.73 -3.02 -22.18
N MET B 185 -6.44 -4.27 -22.55
CA MET B 185 -5.88 -4.62 -23.84
C MET B 185 -6.97 -5.21 -24.73
N LEU B 186 -6.92 -4.92 -26.03
CA LEU B 186 -7.84 -5.55 -26.96
C LEU B 186 -7.04 -6.20 -28.09
N GLU B 187 -7.16 -7.51 -28.23
CA GLU B 187 -6.56 -8.17 -29.39
C GLU B 187 -7.37 -7.81 -30.63
N MET B 188 -6.69 -7.37 -31.68
CA MET B 188 -7.39 -6.94 -32.87
C MET B 188 -6.47 -7.08 -34.09
N THR B 189 -7.06 -6.85 -35.26
CA THR B 189 -6.35 -6.80 -36.54
C THR B 189 -6.90 -5.62 -37.34
N PRO B 190 -6.05 -4.63 -37.63
CA PRO B 190 -6.50 -3.46 -38.39
C PRO B 190 -7.06 -3.85 -39.75
N HIS B 191 -8.23 -3.31 -40.07
CA HIS B 191 -8.88 -3.46 -41.35
C HIS B 191 -9.46 -2.10 -41.75
N GLN B 192 -9.33 -1.76 -43.03
CA GLN B 192 -9.99 -0.59 -43.63
C GLN B 192 -10.04 0.65 -42.76
N GLU B 194 -13.05 -0.71 -38.15
CA GLU B 194 -12.55 0.57 -38.62
C GLU B 194 -12.23 1.52 -37.46
N VAL B 195 -13.17 1.66 -36.51
CA VAL B 195 -13.05 2.60 -35.39
C VAL B 195 -13.15 1.82 -34.08
N TYR B 196 -12.25 2.14 -33.15
CA TYR B 196 -12.22 1.47 -31.85
C TYR B 196 -12.37 2.53 -30.75
N THR B 197 -13.17 2.21 -29.73
CA THR B 197 -13.47 3.16 -28.66
C THR B 197 -13.23 2.51 -27.31
N CYS B 198 -12.45 3.19 -26.46
CA CYS B 198 -12.31 2.81 -25.06
C CYS B 198 -13.32 3.61 -24.25
N HIS B 199 -14.04 2.95 -23.35
CA HIS B 199 -15.17 3.53 -22.63
C HIS B 199 -14.95 3.33 -21.14
N VAL B 200 -14.96 4.42 -20.38
CA VAL B 200 -14.58 4.39 -18.97
C VAL B 200 -15.66 5.07 -18.14
N GLU B 201 -16.18 4.33 -17.16
CA GLU B 201 -17.10 4.82 -16.16
C GLU B 201 -16.43 4.72 -14.78
N HIS B 202 -16.61 5.75 -13.96
CA HIS B 202 -15.94 5.85 -12.67
C HIS B 202 -16.79 6.75 -11.78
N PRO B 203 -16.78 6.53 -10.46
CA PRO B 203 -17.61 7.39 -9.59
C PRO B 203 -17.28 8.87 -9.69
N SER B 204 -16.08 9.22 -10.13
CA SER B 204 -15.70 10.62 -10.28
C SER B 204 -16.26 11.28 -11.55
N LEU B 205 -16.92 10.53 -12.44
CA LEU B 205 -17.38 11.06 -13.71
C LEU B 205 -18.89 11.17 -13.74
N LYS B 206 -19.39 12.35 -14.09
CA LYS B 206 -20.82 12.50 -14.35
C LYS B 206 -21.24 11.72 -15.59
N SER B 207 -20.41 11.75 -16.62
CA SER B 207 -20.63 11.02 -17.87
C SER B 207 -19.39 10.19 -18.19
N PRO B 208 -19.54 9.10 -18.95
CA PRO B 208 -18.38 8.28 -19.27
C PRO B 208 -17.39 9.02 -20.17
N ILE B 209 -16.14 8.56 -20.12
CA ILE B 209 -15.09 9.08 -20.97
C ILE B 209 -14.98 8.13 -22.15
N THR B 210 -14.88 8.68 -23.35
CA THR B 210 -14.65 7.85 -24.53
C THR B 210 -13.44 8.38 -25.27
N VAL B 211 -12.61 7.46 -25.73
CA VAL B 211 -11.44 7.81 -26.54
C VAL B 211 -11.47 6.91 -27.76
N GLU B 212 -11.31 7.52 -28.95
CA GLU B 212 -11.43 6.79 -30.21
C GLU B 212 -10.04 6.55 -30.81
N TRP B 213 -9.93 5.43 -31.52
CA TRP B 213 -8.78 5.15 -32.36
C TRP B 213 -9.29 4.60 -33.69
N ARG B 214 -8.73 5.09 -34.80
CA ARG B 214 -9.17 4.73 -36.14
C ARG B 214 -8.07 4.00 -36.90
N ALA B 215 -8.42 2.85 -37.49
CA ALA B 215 -7.47 2.01 -38.19
C ALA B 215 -7.06 2.57 -39.57
N LEU C 1 -11.58 17.28 14.85
CA LEU C 1 -11.65 15.88 14.43
C LEU C 1 -10.31 15.25 14.66
N GLN C 2 -10.32 14.07 15.29
CA GLN C 2 -9.09 13.45 15.73
C GLN C 2 -9.21 11.96 15.46
N THR C 3 -8.18 11.36 14.88
CA THR C 3 -8.14 9.90 14.74
C THR C 3 -7.30 9.31 15.88
N LEU C 4 -7.67 8.11 16.31
CA LEU C 4 -7.09 7.52 17.51
C LEU C 4 -6.39 6.20 17.21
N ALA C 5 -5.31 5.92 17.96
CA ALA C 5 -4.58 4.66 17.80
C ALA C 5 -5.37 3.47 18.37
N LEU C 6 -5.20 2.31 17.74
CA LEU C 6 -5.42 1.05 18.44
C LEU C 6 -4.16 0.80 19.27
N GLU C 7 -4.31 0.56 20.56
CA GLU C 7 -3.19 0.57 21.49
C GLU C 7 -2.43 -0.76 21.53
N VAL C 8 -1.10 -0.69 21.44
CA VAL C 8 -0.27 -1.85 21.73
C VAL C 8 -0.29 -2.09 23.23
N GLU C 9 -0.65 -3.31 23.64
CA GLU C 9 -0.67 -3.65 25.06
C GLU C 9 0.58 -4.46 25.42
N ASP C 10 1.02 -4.31 26.66
CA ASP C 10 2.35 -4.78 27.08
C ASP C 10 2.33 -6.25 27.41
N ASP C 11 3.33 -6.96 26.89
CA ASP C 11 3.54 -8.35 27.23
C ASP C 11 3.93 -8.45 28.71
N PRO C 12 3.53 -9.54 29.39
CA PRO C 12 3.86 -9.66 30.81
C PRO C 12 5.32 -10.02 31.09
N CYS C 13 6.09 -10.41 30.08
CA CYS C 13 7.39 -11.06 30.28
C CYS C 13 7.24 -12.41 31.00
C1 GOL D . 0.99 -1.79 -4.74
O1 GOL D . 1.70 -0.52 -4.85
C2 GOL D . 1.60 -2.80 -5.80
O2 GOL D . 1.18 -4.10 -5.53
C3 GOL D . 1.12 -2.35 -7.20
O3 GOL D . -0.26 -2.54 -7.20
S SO4 E . -4.66 -0.05 32.66
O1 SO4 E . -3.90 1.18 32.43
O2 SO4 E . -6.07 0.15 32.37
O3 SO4 E . -4.56 -0.44 34.08
O4 SO4 E . -4.07 -1.10 31.83
C1 GOL F . -11.36 -3.66 -16.93
O1 GOL F . -11.18 -4.90 -16.31
C2 GOL F . -12.25 -2.79 -15.99
O2 GOL F . -13.62 -2.98 -16.20
C3 GOL F . -11.77 -3.10 -14.54
O3 GOL F . -10.38 -2.99 -14.57
NA NA G . -9.24 -3.47 30.28
NA NA H . -17.42 1.27 -19.40
#